data_6FD0
#
_entry.id   6FD0
#
_cell.length_a   34.240
_cell.length_b   49.049
_cell.length_c   49.549
_cell.angle_alpha   62.708
_cell.angle_beta   72.070
_cell.angle_gamma   83.709
#
_symmetry.space_group_name_H-M   'P 1'
#
loop_
_entity.id
_entity.type
_entity.pdbx_description
1 polymer 'Protein KIBRA'
2 non-polymer DI(HYDROXYETHYL)ETHER
3 non-polymer GLYCEROL
4 water water
#
_entity_poly.entity_id   1
_entity_poly.type   'polypeptide(L)'
_entity_poly.pdbx_seq_one_letter_code
;MRGSHHHHHHGSGATRIQIALKYDEKNKQFAILIIQLSNLSALLQQQDQKVNIRVAVLPCSESTTCLFRTRPLDASDTLV
FNEVFWVSIAYPALHQKTLRVDVCTTDRSHLEECLGGAQISLAEVCRSGERSTRWYNLLS
;
_entity_poly.pdbx_strand_id   A,B
#
loop_
_chem_comp.id
_chem_comp.type
_chem_comp.name
_chem_comp.formula
GOL non-polymer GLYCEROL 'C3 H8 O3'
PEG non-polymer DI(HYDROXYETHYL)ETHER 'C4 H10 O3'
#
# COMPACT_ATOMS: atom_id res chain seq x y z
N SER A 12 3.47 -16.24 14.77
CA SER A 12 3.75 -14.93 14.19
C SER A 12 3.24 -14.87 12.76
N GLY A 13 3.45 -13.74 12.11
CA GLY A 13 3.20 -13.57 10.70
C GLY A 13 4.49 -13.58 9.90
N ALA A 14 4.48 -12.87 8.78
CA ALA A 14 5.68 -12.72 7.99
C ALA A 14 6.46 -11.50 8.47
N THR A 15 7.73 -11.46 8.09
CA THR A 15 8.53 -10.27 8.33
C THR A 15 8.11 -9.17 7.36
N ARG A 16 7.76 -8.01 7.89
CA ARG A 16 7.34 -6.85 7.13
C ARG A 16 8.38 -5.74 7.27
N ILE A 17 8.54 -4.94 6.21
CA ILE A 17 9.41 -3.78 6.21
C ILE A 17 8.64 -2.57 5.69
N GLN A 18 8.80 -1.43 6.37
CA GLN A 18 8.07 -0.21 6.05
C GLN A 18 8.98 0.74 5.28
N ILE A 19 8.52 1.17 4.11
CA ILE A 19 9.32 1.99 3.22
C ILE A 19 8.46 3.12 2.66
N ALA A 20 9.07 4.30 2.53
CA ALA A 20 8.45 5.45 1.89
C ALA A 20 9.13 5.71 0.56
N LEU A 21 8.34 6.16 -0.42
CA LEU A 21 8.82 6.41 -1.77
C LEU A 21 8.27 7.73 -2.29
N LYS A 22 9.16 8.59 -2.77
CA LYS A 22 8.80 9.92 -3.22
C LYS A 22 9.71 10.30 -4.38
N TYR A 23 9.14 10.81 -5.46
CA TYR A 23 9.91 11.19 -6.63
C TYR A 23 9.84 12.69 -6.83
N ASP A 24 11.00 13.32 -7.01
CA ASP A 24 11.14 14.76 -7.18
C ASP A 24 11.58 15.03 -8.61
N GLU A 25 10.67 15.56 -9.43
CA GLU A 25 10.98 15.76 -10.85
C GLU A 25 11.78 17.03 -11.11
N LYS A 26 11.63 18.05 -10.26
CA LYS A 26 12.48 19.23 -10.38
C LYS A 26 13.94 18.82 -10.43
N ASN A 27 14.41 18.13 -9.40
CA ASN A 27 15.80 17.70 -9.28
C ASN A 27 16.04 16.32 -9.89
N LYS A 28 15.00 15.67 -10.41
CA LYS A 28 15.15 14.41 -11.15
C LYS A 28 15.83 13.34 -10.29
N GLN A 29 15.32 13.14 -9.08
CA GLN A 29 15.90 12.16 -8.18
C GLN A 29 14.82 11.48 -7.37
N PHE A 30 15.15 10.28 -6.89
CA PHE A 30 14.22 9.36 -6.28
C PHE A 30 14.70 9.01 -4.88
N ALA A 31 13.81 9.12 -3.91
CA ALA A 31 14.13 8.90 -2.50
C ALA A 31 13.55 7.56 -2.04
N ILE A 32 14.39 6.78 -1.35
CA ILE A 32 14.01 5.50 -0.79
C ILE A 32 14.31 5.57 0.70
N LEU A 33 13.28 5.71 1.52
CA LEU A 33 13.43 5.76 2.98
C LEU A 33 13.09 4.40 3.56
N ILE A 34 14.09 3.72 4.11
CA ILE A 34 13.87 2.51 4.87
C ILE A 34 13.56 2.94 6.29
N ILE A 35 12.33 2.71 6.74
CA ILE A 35 11.89 3.22 8.04
C ILE A 35 12.11 2.17 9.13
N GLN A 36 11.46 1.02 9.01
CA GLN A 36 11.54 0.08 10.11
C GLN A 36 11.22 -1.33 9.62
N LEU A 37 11.82 -2.30 10.30
CA LEU A 37 11.58 -3.71 10.08
C LEU A 37 10.78 -4.26 11.25
N SER A 38 9.89 -5.21 10.95
CA SER A 38 9.00 -5.79 11.94
C SER A 38 9.06 -7.32 11.87
N ASN A 39 9.02 -7.96 13.03
CA ASN A 39 8.89 -9.41 13.13
C ASN A 39 10.05 -10.12 12.45
N LEU A 40 11.28 -9.63 12.69
CA LEU A 40 12.46 -10.27 12.12
C LEU A 40 12.58 -11.73 12.57
N SER A 41 11.99 -12.08 13.71
CA SER A 41 12.08 -13.45 14.19
C SER A 41 11.50 -14.44 13.19
N ALA A 42 10.56 -14.00 12.35
CA ALA A 42 9.96 -14.92 11.37
C ALA A 42 11.00 -15.46 10.41
N LEU A 43 12.09 -14.72 10.19
CA LEU A 43 13.16 -15.13 9.28
C LEU A 43 14.45 -15.53 10.00
N LEU A 44 14.81 -14.82 11.07
CA LEU A 44 16.05 -15.09 11.80
C LEU A 44 15.67 -15.52 13.21
N GLN A 45 15.67 -16.83 13.45
CA GLN A 45 15.23 -17.35 14.75
C GLN A 45 16.27 -17.05 15.83
N GLN A 46 17.54 -17.41 15.58
CA GLN A 46 18.61 -17.09 16.50
C GLN A 46 19.18 -15.72 16.15
N GLN A 47 19.08 -14.78 17.08
CA GLN A 47 19.37 -13.36 16.83
C GLN A 47 20.49 -12.89 17.75
N ASP A 48 21.70 -13.35 17.48
CA ASP A 48 22.92 -12.76 18.01
C ASP A 48 23.73 -12.07 16.92
N GLN A 49 23.10 -11.81 15.77
CA GLN A 49 23.76 -11.21 14.62
C GLN A 49 23.21 -9.81 14.38
N LYS A 50 23.91 -9.07 13.53
CA LYS A 50 23.45 -7.78 13.07
C LYS A 50 22.90 -7.91 11.66
N VAL A 51 21.83 -7.19 11.37
CA VAL A 51 21.19 -7.25 10.06
C VAL A 51 21.28 -5.88 9.41
N ASN A 52 21.35 -5.90 8.08
CA ASN A 52 21.23 -4.69 7.27
C ASN A 52 20.17 -4.92 6.20
N ILE A 53 19.62 -3.81 5.72
CA ILE A 53 18.65 -3.82 4.62
C ILE A 53 19.41 -3.54 3.34
N ARG A 54 19.35 -4.48 2.39
CA ARG A 54 19.98 -4.30 1.09
C ARG A 54 18.95 -3.78 0.11
N VAL A 55 19.27 -2.71 -0.60
CA VAL A 55 18.33 -2.03 -1.48
C VAL A 55 18.96 -1.95 -2.87
N ALA A 56 18.20 -2.40 -3.87
CA ALA A 56 18.69 -2.43 -5.23
C ALA A 56 17.59 -1.98 -6.18
N VAL A 57 17.95 -1.10 -7.10
CA VAL A 57 17.04 -0.62 -8.14
C VAL A 57 17.39 -1.36 -9.42
N LEU A 58 16.45 -2.19 -9.91
CA LEU A 58 16.71 -3.14 -10.98
C LEU A 58 15.87 -2.81 -12.21
N PRO A 59 16.47 -2.83 -13.42
CA PRO A 59 17.86 -3.25 -13.70
C PRO A 59 18.89 -2.24 -13.21
N CYS A 60 20.05 -2.72 -12.79
CA CYS A 60 21.04 -1.89 -12.10
C CYS A 60 21.23 -0.52 -12.77
N SER A 61 20.99 -0.43 -14.08
CA SER A 61 21.30 0.78 -14.85
C SER A 61 22.78 1.07 -14.76
N GLU A 62 23.41 1.30 -15.90
CA GLU A 62 24.87 1.28 -16.01
C GLU A 62 25.45 2.67 -15.88
N SER A 63 24.95 3.44 -14.90
CA SER A 63 25.44 4.78 -14.66
C SER A 63 25.61 5.05 -13.17
N THR A 64 24.50 5.13 -12.44
CA THR A 64 24.52 5.57 -11.05
C THR A 64 24.37 4.37 -10.13
N THR A 65 24.63 4.62 -8.84
CA THR A 65 24.55 3.58 -7.83
C THR A 65 23.19 2.91 -7.84
N CYS A 66 23.19 1.59 -8.00
CA CYS A 66 21.98 0.80 -7.96
C CYS A 66 21.90 -0.09 -6.72
N LEU A 67 22.95 -0.13 -5.91
CA LEU A 67 23.02 -1.02 -4.75
C LEU A 67 23.32 -0.17 -3.52
N PHE A 68 22.38 -0.15 -2.59
CA PHE A 68 22.55 0.55 -1.32
C PHE A 68 22.41 -0.46 -0.18
N ARG A 69 22.90 -0.06 0.99
CA ARG A 69 22.88 -0.95 2.16
C ARG A 69 22.85 -0.08 3.41
N THR A 70 21.95 -0.44 4.33
CA THR A 70 21.85 0.31 5.58
C THR A 70 23.01 -0.02 6.51
N ARG A 71 23.10 0.74 7.58
CA ARG A 71 23.99 0.39 8.67
C ARG A 71 23.50 -0.90 9.33
N PRO A 72 24.39 -1.71 9.87
CA PRO A 72 23.96 -2.93 10.55
C PRO A 72 23.55 -2.65 11.98
N LEU A 73 22.47 -3.30 12.42
CA LEU A 73 21.97 -3.15 13.77
C LEU A 73 21.72 -4.52 14.39
N ASP A 74 21.90 -4.60 15.70
CA ASP A 74 21.57 -5.81 16.44
C ASP A 74 20.14 -6.24 16.13
N ALA A 75 19.98 -7.50 15.76
CA ALA A 75 18.67 -8.02 15.38
C ALA A 75 17.63 -7.73 16.46
N SER A 76 16.39 -7.52 16.02
CA SER A 76 15.26 -7.28 16.89
C SER A 76 13.99 -7.38 16.06
N ASP A 77 12.89 -7.68 16.72
CA ASP A 77 11.59 -7.74 16.06
C ASP A 77 10.93 -6.38 15.89
N THR A 78 11.62 -5.30 16.26
CA THR A 78 11.18 -3.94 15.99
C THR A 78 12.44 -3.11 15.80
N LEU A 79 12.86 -2.94 14.55
CA LEU A 79 14.20 -2.47 14.22
C LEU A 79 14.08 -1.22 13.36
N VAL A 80 14.68 -0.12 13.82
CA VAL A 80 14.43 1.19 13.25
C VAL A 80 15.71 1.65 12.54
N PHE A 81 15.69 1.56 11.22
CA PHE A 81 16.65 2.25 10.37
C PHE A 81 15.98 3.50 9.83
N ASN A 82 16.61 4.64 9.99
CA ASN A 82 16.15 5.86 9.33
C ASN A 82 17.22 6.26 8.31
N GLU A 83 17.30 5.47 7.26
CA GLU A 83 18.28 5.69 6.21
C GLU A 83 17.52 5.90 4.91
N VAL A 84 17.70 7.07 4.34
CA VAL A 84 17.20 7.38 3.01
C VAL A 84 18.35 7.19 2.03
N PHE A 85 18.02 6.72 0.85
CA PHE A 85 18.98 6.63 -0.25
C PHE A 85 18.41 7.40 -1.43
N TRP A 86 19.25 8.19 -2.08
CA TRP A 86 18.83 9.00 -3.21
C TRP A 86 19.43 8.43 -4.50
N VAL A 87 18.65 8.52 -5.58
CA VAL A 87 19.06 7.99 -6.88
C VAL A 87 18.64 8.98 -7.95
N SER A 88 19.60 9.39 -8.77
CA SER A 88 19.36 10.39 -9.81
C SER A 88 18.74 9.69 -11.02
N ILE A 89 17.41 9.74 -11.12
CA ILE A 89 16.67 9.04 -12.16
C ILE A 89 15.57 9.95 -12.70
N ALA A 90 15.11 9.64 -13.91
CA ALA A 90 13.98 10.31 -14.54
C ALA A 90 12.77 9.39 -14.55
N TYR A 91 11.58 10.01 -14.56
CA TYR A 91 10.35 9.22 -14.34
C TYR A 91 10.19 8.10 -15.36
N PRO A 92 10.36 8.33 -16.66
CA PRO A 92 10.17 7.21 -17.60
C PRO A 92 11.01 6.00 -17.27
N ALA A 93 12.30 6.22 -17.00
CA ALA A 93 13.17 5.13 -16.55
C ALA A 93 12.66 4.54 -15.24
N LEU A 94 12.56 5.38 -14.21
CA LEU A 94 12.08 4.93 -12.90
C LEU A 94 10.78 4.14 -13.02
N HIS A 95 9.82 4.67 -13.78
CA HIS A 95 8.47 4.10 -13.79
C HIS A 95 8.46 2.64 -14.21
N GLN A 96 9.50 2.18 -14.90
CA GLN A 96 9.54 0.82 -15.40
C GLN A 96 10.44 -0.08 -14.57
N LYS A 97 10.94 0.39 -13.43
CA LYS A 97 11.95 -0.33 -12.67
C LYS A 97 11.33 -1.11 -11.51
N THR A 98 12.14 -2.02 -10.96
CA THR A 98 11.77 -2.88 -9.86
C THR A 98 12.66 -2.56 -8.68
N LEU A 99 12.09 -2.57 -7.48
CA LEU A 99 12.84 -2.30 -6.25
C LEU A 99 12.95 -3.59 -5.47
N ARG A 100 14.18 -4.12 -5.37
CA ARG A 100 14.45 -5.34 -4.63
C ARG A 100 15.07 -4.97 -3.29
N VAL A 101 14.42 -5.42 -2.20
CA VAL A 101 14.91 -5.16 -0.84
C VAL A 101 15.02 -6.50 -0.12
N ASP A 102 16.10 -6.66 0.66
CA ASP A 102 16.35 -7.87 1.41
C ASP A 102 16.87 -7.53 2.79
N VAL A 103 16.44 -8.27 3.80
CA VAL A 103 17.05 -8.22 5.12
C VAL A 103 18.21 -9.21 5.10
N CYS A 104 19.43 -8.69 5.13
CA CYS A 104 20.65 -9.50 5.04
C CYS A 104 21.47 -9.35 6.32
N THR A 105 21.93 -10.48 6.84
CA THR A 105 22.81 -10.50 7.99
C THR A 105 24.23 -10.86 7.54
N THR A 106 25.15 -10.77 8.50
CA THR A 106 26.53 -11.13 8.26
C THR A 106 26.99 -12.04 9.39
N ASP A 107 27.54 -13.21 9.03
CA ASP A 107 28.12 -14.11 10.01
C ASP A 107 29.58 -13.71 10.26
N ARG A 108 30.24 -14.45 11.13
CA ARG A 108 31.63 -14.15 11.47
C ARG A 108 32.49 -14.16 10.22
N SER A 109 33.46 -13.25 10.18
CA SER A 109 34.32 -13.03 9.00
C SER A 109 33.52 -12.40 7.84
N HIS A 110 32.76 -11.35 8.19
CA HIS A 110 32.00 -10.52 7.25
C HIS A 110 31.54 -11.23 5.98
N LEU A 111 30.91 -12.39 6.13
CA LEU A 111 30.21 -13.02 5.01
C LEU A 111 28.78 -12.52 4.98
N GLU A 112 28.22 -12.40 3.78
CA GLU A 112 26.87 -11.91 3.59
C GLU A 112 25.94 -13.08 3.31
N GLU A 113 24.78 -13.08 3.97
CA GLU A 113 23.72 -14.05 3.75
C GLU A 113 22.39 -13.32 3.90
N CYS A 114 21.47 -13.52 2.96
CA CYS A 114 20.20 -12.81 2.95
C CYS A 114 19.05 -13.76 3.24
N LEU A 115 18.21 -13.37 4.19
CA LEU A 115 17.20 -14.26 4.76
C LEU A 115 15.83 -14.09 4.14
N GLY A 116 15.65 -13.13 3.24
CA GLY A 116 14.36 -12.87 2.65
C GLY A 116 14.30 -11.50 2.05
N GLY A 117 13.35 -11.33 1.15
CA GLY A 117 13.23 -10.07 0.45
C GLY A 117 11.94 -10.01 -0.34
N ALA A 118 11.85 -8.98 -1.16
CA ALA A 118 10.68 -8.72 -1.97
C ALA A 118 11.06 -7.82 -3.13
N GLN A 119 10.51 -8.09 -4.31
CA GLN A 119 10.61 -7.18 -5.45
C GLN A 119 9.33 -6.36 -5.49
N ILE A 120 9.47 -5.05 -5.70
CA ILE A 120 8.37 -4.09 -5.57
C ILE A 120 8.27 -3.29 -6.85
N SER A 121 7.10 -3.34 -7.49
CA SER A 121 6.84 -2.49 -8.65
C SER A 121 6.82 -1.02 -8.26
N LEU A 122 7.47 -0.21 -9.09
CA LEU A 122 7.47 1.24 -8.93
C LEU A 122 6.47 1.92 -9.85
N ALA A 123 5.69 1.14 -10.61
CA ALA A 123 4.71 1.72 -11.51
C ALA A 123 3.73 2.64 -10.80
N GLU A 124 3.61 2.50 -9.48
CA GLU A 124 2.71 3.33 -8.69
C GLU A 124 3.38 4.58 -8.14
N VAL A 125 4.71 4.65 -8.17
CA VAL A 125 5.37 5.85 -7.68
C VAL A 125 4.82 7.06 -8.41
N CYS A 126 4.61 8.14 -7.65
N CYS A 126 4.88 8.19 -7.73
CA CYS A 126 3.90 9.31 -8.17
CA CYS A 126 4.08 9.36 -8.01
C CYS A 126 4.90 10.31 -8.75
C CYS A 126 4.94 10.41 -8.71
N ARG A 127 4.79 10.57 -10.04
CA ARG A 127 5.56 11.63 -10.70
C ARG A 127 5.27 12.98 -10.05
N SER A 128 4.04 13.21 -9.61
CA SER A 128 3.64 14.45 -8.96
C SER A 128 4.37 14.68 -7.63
N GLY A 129 5.03 13.67 -7.08
CA GLY A 129 5.83 13.84 -5.88
C GLY A 129 5.19 13.47 -4.56
N GLU A 130 4.00 12.86 -4.56
CA GLU A 130 3.39 12.45 -3.31
C GLU A 130 4.12 11.25 -2.74
N ARG A 131 4.23 11.21 -1.41
CA ARG A 131 4.89 10.10 -0.73
C ARG A 131 3.95 8.91 -0.62
N SER A 132 4.48 7.72 -0.92
CA SER A 132 3.81 6.47 -0.62
C SER A 132 4.53 5.80 0.54
N THR A 133 3.78 5.37 1.55
CA THR A 133 4.34 4.73 2.73
C THR A 133 3.60 3.43 2.95
N ARG A 134 4.28 2.30 2.73
CA ARG A 134 3.63 0.99 2.79
C ARG A 134 4.52 0.02 3.56
N TRP A 135 3.88 -1.05 4.01
CA TRP A 135 4.56 -2.21 4.56
C TRP A 135 4.66 -3.30 3.51
N TYR A 136 5.82 -3.95 3.44
CA TYR A 136 6.07 -4.98 2.44
C TYR A 136 6.59 -6.23 3.14
N ASN A 137 6.03 -7.39 2.78
CA ASN A 137 6.43 -8.63 3.39
C ASN A 137 7.70 -9.18 2.75
N LEU A 138 8.64 -9.60 3.58
CA LEU A 138 9.90 -10.18 3.12
C LEU A 138 9.78 -11.70 3.22
N LEU A 139 9.82 -12.39 2.09
CA LEU A 139 9.68 -13.82 2.03
C LEU A 139 11.03 -14.48 1.80
N SER A 140 11.17 -15.71 2.29
CA SER A 140 12.42 -16.47 2.16
C SER A 140 12.45 -17.25 0.84
N GLY B 13 -7.89 -13.93 11.03
CA GLY B 13 -7.25 -12.63 11.18
C GLY B 13 -8.23 -11.46 11.22
N ALA B 14 -8.11 -10.55 10.25
CA ALA B 14 -8.98 -9.39 10.14
C ALA B 14 -9.51 -9.27 8.72
N THR B 15 -10.74 -8.77 8.60
CA THR B 15 -11.35 -8.58 7.29
C THR B 15 -10.61 -7.48 6.52
N ARG B 16 -10.08 -7.83 5.36
CA ARG B 16 -9.30 -6.92 4.53
C ARG B 16 -10.05 -6.64 3.23
N ILE B 17 -9.88 -5.42 2.73
CA ILE B 17 -10.48 -5.01 1.47
C ILE B 17 -9.40 -4.38 0.60
N GLN B 18 -9.33 -4.80 -0.66
CA GLN B 18 -8.33 -4.30 -1.61
C GLN B 18 -8.96 -3.21 -2.48
N ILE B 19 -8.27 -2.07 -2.58
CA ILE B 19 -8.80 -0.90 -3.28
C ILE B 19 -7.70 -0.31 -4.14
N ALA B 20 -8.10 0.21 -5.30
CA ALA B 20 -7.21 0.94 -6.19
C ALA B 20 -7.79 2.34 -6.40
N LEU B 21 -6.90 3.34 -6.44
CA LEU B 21 -7.29 4.73 -6.58
C LEU B 21 -6.46 5.36 -7.68
N LYS B 22 -7.14 5.97 -8.64
CA LYS B 22 -6.48 6.71 -9.73
C LYS B 22 -7.21 8.02 -9.93
N TYR B 23 -6.44 9.07 -10.19
CA TYR B 23 -7.00 10.40 -10.38
C TYR B 23 -6.66 10.91 -11.78
N ASP B 24 -7.69 11.30 -12.52
CA ASP B 24 -7.54 11.91 -13.84
C ASP B 24 -7.66 13.41 -13.70
N GLU B 25 -6.69 14.15 -14.23
CA GLU B 25 -6.68 15.60 -14.06
C GLU B 25 -7.17 16.37 -15.28
N LYS B 26 -6.94 15.86 -16.50
CA LYS B 26 -7.55 16.48 -17.69
C LYS B 26 -9.03 16.64 -17.42
N ASN B 27 -9.75 15.52 -17.39
CA ASN B 27 -11.03 15.49 -16.72
C ASN B 27 -10.83 15.66 -15.22
N LYS B 28 -11.88 16.02 -14.52
CA LYS B 28 -11.85 16.07 -13.05
C LYS B 28 -12.65 14.86 -12.57
N GLN B 29 -11.96 13.72 -12.49
CA GLN B 29 -12.59 12.45 -12.21
C GLN B 29 -11.72 11.65 -11.25
N PHE B 30 -12.35 11.08 -10.24
CA PHE B 30 -11.66 10.24 -9.25
C PHE B 30 -12.26 8.85 -9.32
N ALA B 31 -11.40 7.84 -9.41
CA ALA B 31 -11.82 6.46 -9.57
C ALA B 31 -11.53 5.68 -8.30
N ILE B 32 -12.58 5.05 -7.77
CA ILE B 32 -12.49 4.20 -6.59
C ILE B 32 -12.94 2.81 -7.03
N LEU B 33 -12.00 1.89 -7.18
CA LEU B 33 -12.29 0.54 -7.62
C LEU B 33 -12.31 -0.38 -6.41
N ILE B 34 -13.50 -0.89 -6.06
CA ILE B 34 -13.64 -1.88 -5.01
C ILE B 34 -13.34 -3.23 -5.64
N ILE B 35 -12.21 -3.82 -5.26
CA ILE B 35 -11.68 -4.98 -5.95
C ILE B 35 -12.11 -6.28 -5.28
N GLN B 36 -11.89 -6.43 -3.98
CA GLN B 36 -12.22 -7.71 -3.36
C GLN B 36 -12.19 -7.55 -1.85
N LEU B 37 -12.62 -8.61 -1.18
CA LEU B 37 -12.80 -8.64 0.27
C LEU B 37 -12.29 -10.00 0.74
N SER B 38 -11.31 -9.98 1.64
CA SER B 38 -10.70 -11.22 2.12
C SER B 38 -11.00 -11.40 3.61
N ASN B 39 -11.12 -12.66 4.02
CA ASN B 39 -11.40 -13.02 5.41
C ASN B 39 -12.64 -12.30 5.91
N LEU B 40 -13.68 -12.29 5.07
CA LEU B 40 -14.96 -11.72 5.50
C LEU B 40 -15.50 -12.46 6.72
N SER B 41 -15.14 -13.74 6.86
CA SER B 41 -15.62 -14.53 8.00
C SER B 41 -15.17 -13.96 9.33
N ALA B 42 -14.22 -13.03 9.35
CA ALA B 42 -13.81 -12.41 10.61
C ALA B 42 -14.87 -11.46 11.15
N LEU B 43 -15.75 -10.94 10.30
CA LEU B 43 -16.84 -10.06 10.73
C LEU B 43 -18.21 -10.70 10.63
N LEU B 44 -18.48 -11.46 9.55
CA LEU B 44 -19.80 -12.05 9.31
C LEU B 44 -19.69 -13.57 9.44
N GLN B 45 -20.22 -14.11 10.53
CA GLN B 45 -20.16 -15.56 10.75
C GLN B 45 -21.17 -16.28 9.87
N GLN B 46 -22.45 -15.92 9.97
CA GLN B 46 -23.47 -16.49 9.09
C GLN B 46 -23.29 -15.86 7.72
N GLN B 47 -22.65 -16.59 6.80
CA GLN B 47 -22.38 -16.09 5.47
C GLN B 47 -23.49 -16.43 4.48
N ASP B 48 -24.68 -16.78 4.98
CA ASP B 48 -25.82 -17.02 4.09
C ASP B 48 -26.36 -15.70 3.53
N GLN B 49 -26.27 -14.62 4.28
CA GLN B 49 -26.79 -13.34 3.85
C GLN B 49 -25.98 -12.81 2.67
N LYS B 50 -26.43 -11.69 2.13
CA LYS B 50 -25.74 -11.01 1.04
C LYS B 50 -25.04 -9.78 1.59
N VAL B 51 -24.01 -9.32 0.86
CA VAL B 51 -23.09 -8.32 1.35
C VAL B 51 -22.84 -7.30 0.24
N ASN B 52 -22.66 -6.03 0.64
CA ASN B 52 -22.26 -4.96 -0.27
C ASN B 52 -21.25 -4.08 0.46
N ILE B 53 -20.66 -3.15 -0.28
CA ILE B 53 -19.67 -2.22 0.27
C ILE B 53 -20.25 -0.80 0.18
N ARG B 54 -20.13 -0.05 1.26
CA ARG B 54 -20.56 1.34 1.32
C ARG B 54 -19.33 2.23 1.33
N VAL B 55 -19.32 3.23 0.44
CA VAL B 55 -18.16 4.11 0.28
C VAL B 55 -18.65 5.56 0.30
N ALA B 56 -17.99 6.38 1.10
CA ALA B 56 -18.37 7.78 1.28
C ALA B 56 -17.14 8.65 1.18
N VAL B 57 -17.26 9.75 0.44
CA VAL B 57 -16.20 10.74 0.30
C VAL B 57 -16.50 11.86 1.29
N LEU B 58 -15.71 11.94 2.35
CA LEU B 58 -15.99 12.85 3.44
C LEU B 58 -14.92 13.93 3.53
N PRO B 59 -15.30 15.20 3.77
CA PRO B 59 -16.65 15.72 4.00
C PRO B 59 -17.54 15.61 2.77
N CYS B 60 -18.76 15.12 2.96
CA CYS B 60 -19.71 15.04 1.85
C CYS B 60 -20.04 16.44 1.38
N SER B 61 -19.67 16.75 0.14
CA SER B 61 -19.92 18.06 -0.42
C SER B 61 -21.36 18.14 -0.89
N GLU B 62 -22.10 19.12 -0.38
CA GLU B 62 -23.39 19.44 -0.95
C GLU B 62 -23.19 20.01 -2.36
N SER B 63 -24.20 19.84 -3.19
CA SER B 63 -24.07 20.09 -4.63
C SER B 63 -23.11 19.09 -5.27
N THR B 64 -22.98 17.92 -4.66
CA THR B 64 -22.09 16.87 -5.13
C THR B 64 -22.60 15.54 -4.62
N THR B 65 -22.19 14.46 -5.28
CA THR B 65 -22.54 13.11 -4.86
C THR B 65 -21.34 12.48 -4.17
N CYS B 66 -21.57 11.91 -2.99
CA CYS B 66 -20.48 11.46 -2.13
C CYS B 66 -20.60 10.02 -1.65
N LEU B 67 -21.78 9.42 -1.64
CA LEU B 67 -21.98 8.08 -1.11
C LEU B 67 -22.23 7.10 -2.24
N PHE B 68 -21.71 5.88 -2.10
CA PHE B 68 -21.82 4.87 -3.14
C PHE B 68 -22.04 3.49 -2.54
N ARG B 69 -22.57 2.58 -3.36
CA ARG B 69 -22.83 1.22 -2.95
C ARG B 69 -22.54 0.25 -4.08
N THR B 70 -21.91 -0.88 -3.75
CA THR B 70 -21.74 -1.94 -4.72
C THR B 70 -23.00 -2.79 -4.80
N ARG B 71 -23.10 -3.58 -5.86
CA ARG B 71 -24.15 -4.57 -5.93
C ARG B 71 -24.00 -5.54 -4.75
N PRO B 72 -25.09 -6.16 -4.31
CA PRO B 72 -24.98 -7.09 -3.17
C PRO B 72 -24.68 -8.50 -3.63
N LEU B 73 -23.59 -9.08 -3.14
CA LEU B 73 -23.18 -10.42 -3.52
C LEU B 73 -23.16 -11.32 -2.29
N ASP B 74 -23.36 -12.61 -2.52
CA ASP B 74 -23.49 -13.54 -1.41
C ASP B 74 -22.18 -13.64 -0.65
N ALA B 75 -22.29 -13.63 0.68
CA ALA B 75 -21.11 -13.54 1.54
C ALA B 75 -20.17 -14.70 1.27
N SER B 76 -18.94 -14.36 0.89
CA SER B 76 -17.85 -15.32 0.75
C SER B 76 -16.69 -14.84 1.61
N ASP B 77 -15.85 -15.78 2.02
CA ASP B 77 -14.62 -15.39 2.70
C ASP B 77 -13.69 -14.66 1.74
N THR B 78 -13.75 -15.01 0.45
CA THR B 78 -13.06 -14.30 -0.61
C THR B 78 -14.11 -13.89 -1.62
N LEU B 79 -14.38 -12.58 -1.70
CA LEU B 79 -15.50 -12.05 -2.48
C LEU B 79 -15.01 -10.94 -3.40
N VAL B 80 -15.11 -11.17 -4.71
CA VAL B 80 -14.62 -10.23 -5.70
C VAL B 80 -15.77 -9.35 -6.14
N PHE B 81 -15.77 -8.10 -5.69
CA PHE B 81 -16.46 -7.03 -6.35
C PHE B 81 -15.51 -6.43 -7.39
N ASN B 82 -16.00 -6.19 -8.59
CA ASN B 82 -15.13 -5.59 -9.59
C ASN B 82 -15.77 -4.30 -10.06
N GLU B 83 -15.99 -3.38 -9.12
CA GLU B 83 -16.96 -2.30 -9.32
C GLU B 83 -16.31 -0.96 -9.01
N VAL B 84 -16.29 -0.10 -10.02
CA VAL B 84 -15.63 1.19 -9.95
C VAL B 84 -16.67 2.24 -9.63
N PHE B 85 -16.24 3.29 -8.93
CA PHE B 85 -17.07 4.44 -8.64
C PHE B 85 -16.32 5.69 -9.11
N TRP B 86 -17.02 6.56 -9.82
CA TRP B 86 -16.43 7.78 -10.37
C TRP B 86 -17.00 9.01 -9.69
N VAL B 87 -16.13 9.95 -9.36
CA VAL B 87 -16.50 11.17 -8.67
C VAL B 87 -15.94 12.36 -9.44
N SER B 88 -16.74 13.40 -9.58
CA SER B 88 -16.31 14.62 -10.27
C SER B 88 -15.80 15.59 -9.21
N ILE B 89 -14.49 15.73 -9.13
CA ILE B 89 -13.84 16.52 -8.08
C ILE B 89 -12.44 16.85 -8.56
N ALA B 90 -11.89 17.95 -8.05
CA ALA B 90 -10.56 18.43 -8.42
C ALA B 90 -9.53 18.04 -7.36
N TYR B 91 -8.26 18.11 -7.76
CA TYR B 91 -7.20 17.65 -6.87
C TYR B 91 -7.12 18.44 -5.58
N PRO B 92 -7.22 19.78 -5.59
CA PRO B 92 -7.18 20.49 -4.30
C PRO B 92 -8.28 20.03 -3.36
N ALA B 93 -9.49 19.81 -3.87
CA ALA B 93 -10.61 19.36 -3.04
C ALA B 93 -10.47 17.89 -2.68
N LEU B 94 -10.00 17.07 -3.62
CA LEU B 94 -9.73 15.68 -3.33
C LEU B 94 -8.67 15.51 -2.24
N HIS B 95 -7.69 16.41 -2.19
CA HIS B 95 -6.48 16.18 -1.39
C HIS B 95 -6.75 16.28 0.11
N GLN B 96 -7.82 16.95 0.50
CA GLN B 96 -8.18 17.07 1.92
C GLN B 96 -9.40 16.24 2.26
N LYS B 97 -9.80 15.34 1.38
CA LYS B 97 -10.92 14.46 1.66
C LYS B 97 -10.43 13.16 2.32
N THR B 98 -11.39 12.40 2.83
CA THR B 98 -11.13 11.09 3.40
C THR B 98 -12.19 10.12 2.88
N LEU B 99 -11.81 8.86 2.78
CA LEU B 99 -12.68 7.81 2.26
C LEU B 99 -13.13 6.90 3.39
N ARG B 100 -14.44 6.71 3.52
CA ARG B 100 -15.01 5.85 4.55
C ARG B 100 -15.61 4.64 3.84
N VAL B 101 -14.97 3.49 3.98
CA VAL B 101 -15.47 2.24 3.42
C VAL B 101 -15.92 1.35 4.57
N ASP B 102 -17.12 0.81 4.46
CA ASP B 102 -17.66 -0.15 5.41
C ASP B 102 -18.18 -1.36 4.64
N VAL B 103 -17.96 -2.55 5.20
CA VAL B 103 -18.61 -3.76 4.71
C VAL B 103 -19.94 -3.91 5.44
N CYS B 104 -21.03 -3.94 4.68
CA CYS B 104 -22.37 -3.98 5.25
C CYS B 104 -23.14 -5.16 4.70
N THR B 105 -24.18 -5.55 5.42
CA THR B 105 -25.11 -6.57 4.97
C THR B 105 -26.48 -5.93 4.71
N THR B 106 -27.11 -6.37 3.63
CA THR B 106 -28.39 -5.85 3.19
C THR B 106 -29.32 -7.01 2.90
N ASP B 107 -30.59 -6.86 3.25
CA ASP B 107 -31.62 -7.81 2.83
C ASP B 107 -32.51 -7.14 1.79
N ARG B 108 -33.53 -7.88 1.35
CA ARG B 108 -34.25 -7.48 0.14
C ARG B 108 -35.03 -6.19 0.38
N SER B 109 -35.60 -6.03 1.56
CA SER B 109 -36.15 -4.73 1.92
C SER B 109 -35.08 -3.64 1.91
N HIS B 110 -33.81 -4.02 1.74
CA HIS B 110 -32.69 -3.08 1.65
C HIS B 110 -32.45 -2.36 2.98
N LEU B 111 -32.69 -3.09 4.07
CA LEU B 111 -32.24 -2.68 5.39
C LEU B 111 -30.76 -2.98 5.51
N GLU B 112 -29.96 -1.95 5.76
CA GLU B 112 -28.50 -2.07 5.73
C GLU B 112 -27.97 -1.85 7.14
N GLU B 113 -27.25 -2.83 7.65
CA GLU B 113 -26.56 -2.73 8.94
C GLU B 113 -25.12 -3.15 8.70
N CYS B 114 -24.18 -2.32 9.14
CA CYS B 114 -22.79 -2.44 8.73
C CYS B 114 -21.95 -3.13 9.80
N LEU B 115 -21.08 -4.04 9.35
CA LEU B 115 -20.29 -4.88 10.25
C LEU B 115 -18.93 -4.31 10.57
N GLY B 116 -18.45 -3.34 9.80
CA GLY B 116 -17.15 -2.76 10.04
C GLY B 116 -16.63 -2.00 8.85
N GLY B 117 -15.62 -1.16 9.09
CA GLY B 117 -15.08 -0.36 8.01
C GLY B 117 -13.76 0.27 8.40
N ALA B 118 -13.36 1.26 7.62
CA ALA B 118 -12.07 1.88 7.80
C ALA B 118 -12.09 3.26 7.15
N GLN B 119 -11.28 4.15 7.69
CA GLN B 119 -11.14 5.51 7.17
C GLN B 119 -9.79 5.61 6.48
N ILE B 120 -9.81 6.04 5.22
CA ILE B 120 -8.64 5.96 4.33
C ILE B 120 -8.29 7.36 3.85
N SER B 121 -7.00 7.70 3.96
CA SER B 121 -6.52 9.02 3.57
C SER B 121 -6.18 9.06 2.08
N LEU B 122 -6.47 10.20 1.46
CA LEU B 122 -6.19 10.40 0.05
C LEU B 122 -4.99 11.32 -0.18
N ALA B 123 -4.11 11.43 0.81
CA ALA B 123 -2.93 12.26 0.67
C ALA B 123 -1.89 11.62 -0.24
N GLU B 124 -1.95 10.30 -0.45
CA GLU B 124 -1.01 9.59 -1.31
C GLU B 124 -1.46 9.52 -2.77
N VAL B 125 -2.74 9.81 -3.06
CA VAL B 125 -3.24 9.73 -4.42
C VAL B 125 -2.37 10.59 -5.33
N CYS B 126 -2.00 10.05 -6.49
N CYS B 126 -2.07 10.08 -6.51
CA CYS B 126 -1.11 10.75 -7.41
CA CYS B 126 -1.14 10.73 -7.43
C CYS B 126 -1.92 11.70 -8.28
C CYS B 126 -1.90 11.69 -8.33
N ARG B 127 -1.53 12.98 -8.27
CA ARG B 127 -2.12 13.95 -9.18
C ARG B 127 -1.77 13.61 -10.63
N SER B 128 -0.56 13.08 -10.85
CA SER B 128 -0.10 12.62 -12.16
C SER B 128 -0.89 11.44 -12.69
N GLY B 129 -1.68 10.77 -11.87
CA GLY B 129 -2.59 9.73 -12.33
C GLY B 129 -2.18 8.31 -12.01
N GLU B 130 -0.97 8.07 -11.49
CA GLU B 130 -0.56 6.71 -11.22
C GLU B 130 -1.51 6.03 -10.23
N ARG B 131 -1.94 4.83 -10.59
CA ARG B 131 -2.85 4.06 -9.77
C ARG B 131 -2.16 3.64 -8.48
N SER B 132 -2.94 3.50 -7.41
CA SER B 132 -2.41 3.10 -6.10
C SER B 132 -3.30 1.99 -5.56
N THR B 133 -2.77 0.77 -5.54
CA THR B 133 -3.50 -0.41 -5.10
C THR B 133 -2.99 -0.83 -3.71
N ARG B 134 -3.91 -1.14 -2.82
CA ARG B 134 -3.57 -1.35 -1.41
C ARG B 134 -4.68 -2.16 -0.75
N TRP B 135 -4.31 -2.84 0.34
CA TRP B 135 -5.27 -3.52 1.20
C TRP B 135 -5.53 -2.68 2.44
N TYR B 136 -6.71 -2.86 3.02
CA TYR B 136 -7.11 -2.11 4.21
C TYR B 136 -7.91 -3.03 5.12
N ASN B 137 -7.68 -2.92 6.42
CA ASN B 137 -8.42 -3.74 7.37
C ASN B 137 -9.73 -3.04 7.71
N LEU B 138 -10.80 -3.83 7.77
CA LEU B 138 -12.12 -3.35 8.17
C LEU B 138 -12.37 -3.76 9.61
N LEU B 139 -12.60 -2.77 10.48
CA LEU B 139 -12.68 -2.98 11.91
C LEU B 139 -14.10 -2.85 12.43
N SER B 140 -14.40 -3.65 13.45
CA SER B 140 -15.70 -3.65 14.11
C SER B 140 -15.85 -2.49 15.09
C1 PEG C . 4.58 5.80 10.79
O1 PEG C . 5.84 5.35 10.38
C2 PEG C . 3.53 4.73 10.52
O2 PEG C . 3.78 3.58 11.29
C3 PEG C . 2.69 2.68 11.36
C4 PEG C . 2.94 1.60 12.40
O4 PEG C . 3.86 2.04 13.36
H11 PEG C . 4.61 5.99 11.73
H12 PEG C . 4.35 6.61 10.30
HO1 PEG C . 6.01 5.64 9.59
H21 PEG C . 2.65 5.08 10.75
H22 PEG C . 3.53 4.50 9.58
H31 PEG C . 1.89 3.18 11.59
H32 PEG C . 2.56 2.27 10.49
H41 PEG C . 2.10 1.38 12.84
H42 PEG C . 3.29 0.81 11.96
HO4 PEG C . 4.44 1.44 13.51
C1 GOL D . -1.94 -2.12 5.34
O1 GOL D . -2.65 -2.69 6.40
C2 GOL D . -0.39 -2.42 5.54
O2 GOL D . -0.13 -3.77 5.92
C3 GOL D . 0.28 -2.00 4.16
O3 GOL D . 0.23 -0.60 4.12
H11 GOL D . -2.22 -2.47 4.48
H12 GOL D . -2.07 -1.16 5.29
HO1 GOL D . -2.27 -3.43 6.58
H2 GOL D . -0.04 -1.88 6.27
HO2 GOL D . -0.42 -4.27 5.30
H31 GOL D . -0.18 -2.43 3.42
H32 GOL D . 1.19 -2.32 4.13
HO3 GOL D . 0.87 -0.33 3.62
C1 GOL E . -0.95 -4.40 1.08
O1 GOL E . -1.36 -3.12 1.50
C2 GOL E . 0.19 -4.90 2.05
O2 GOL E . -0.24 -5.00 3.37
C3 GOL E . 0.61 -6.31 1.49
O3 GOL E . -0.50 -7.17 1.63
H11 GOL E . -1.67 -5.05 1.08
H12 GOL E . -0.62 -4.38 0.17
HO1 GOL E . -0.78 -2.58 1.21
H2 GOL E . 0.93 -4.29 2.05
HO2 GOL E . -0.73 -5.69 3.44
H31 GOL E . 0.92 -6.21 0.58
H32 GOL E . 1.39 -6.63 1.99
HO3 GOL E . -0.19 -7.95 1.79
C1 GOL F . -1.33 -9.47 -1.27
O1 GOL F . -1.69 -10.82 -1.42
C2 GOL F . -1.17 -8.81 -2.73
O2 GOL F . -2.32 -8.97 -3.52
C3 GOL F . -0.84 -7.27 -2.49
O3 GOL F . 0.04 -7.18 -1.41
H11 GOL F . -1.98 -8.96 -0.77
H12 GOL F . -0.49 -9.38 -0.79
HO1 GOL F . -1.80 -11.13 -0.64
H2 GOL F . -0.46 -9.24 -3.22
HO2 GOL F . -2.68 -8.21 -3.62
H31 GOL F . -0.48 -6.90 -3.31
H32 GOL F . -1.66 -6.79 -2.33
HO3 GOL F . 0.53 -6.51 -1.56
#